data_1H4M
#
_entry.id   1H4M
#
_cell.length_a   40.410
_cell.length_b   151.469
_cell.length_c   53.609
_cell.angle_alpha   90.00
_cell.angle_beta   90.00
_cell.angle_gamma   90.00
#
_symmetry.space_group_name_H-M   'P 21 21 2'
#
loop_
_entity.id
_entity.type
_entity.pdbx_description
1 polymer 'PUTATIVE THIOSULFATE SULFURTRANSFERASE'
2 non-polymer 1,2-ETHANEDIOL
3 water water
#
_entity_poly.entity_id   1
_entity_poly.type   'polypeptide(L)'
_entity_poly.pdbx_seq_one_letter_code
;MDDFASLPLVIEPADLQARLSAPELILVDLTSAARYAEGHIPGARFVDPKRTQLGQPPAPGLQPPREQLESLFGELGHRP
EAVYVVYDDEGGGWAGRFIWLLDVIGQQRYHYLNGGLTAWLAEDRPLSRELPAPAGGPVALSLHDEPTASRDYLLGRLGA
ADLAIWDARSPQEYRGEKVLAAKGGHIPGAVNFEWTAAMDPSRALRIRTDIAGRLEELGITPDKEIVTHCQTHHRSGLTY
LIAKALGYPRVKGYAGSWGEWGNHPDTPVEL
;
_entity_poly.pdbx_strand_id   X
#
loop_
_chem_comp.id
_chem_comp.type
_chem_comp.name
_chem_comp.formula
EDO non-polymer 1,2-ETHANEDIOL 'C2 H6 O2'
#
# COMPACT_ATOMS: atom_id res chain seq x y z
N MET A 1 7.51 19.82 -4.48
CA MET A 1 7.69 18.43 -5.04
C MET A 1 8.09 18.42 -6.52
N ASP A 2 8.84 19.45 -6.92
CA ASP A 2 9.24 19.72 -8.31
C ASP A 2 8.22 19.56 -9.46
N ASP A 3 8.58 18.91 -10.58
CA ASP A 3 7.65 18.79 -11.71
C ASP A 3 6.38 18.00 -11.39
N PHE A 4 6.34 17.43 -10.19
CA PHE A 4 5.21 16.64 -9.76
C PHE A 4 4.41 17.41 -8.72
N ALA A 5 4.93 18.53 -8.26
CA ALA A 5 4.22 19.27 -7.22
C ALA A 5 2.76 19.60 -7.51
N SER A 6 2.39 19.89 -8.76
CA SER A 6 0.99 20.27 -9.06
C SER A 6 -0.06 19.12 -9.08
N LEU A 7 0.38 17.87 -9.02
CA LEU A 7 -0.53 16.73 -9.10
C LEU A 7 -1.06 16.24 -7.76
N PRO A 8 -2.22 15.59 -7.73
CA PRO A 8 -2.67 14.98 -6.48
C PRO A 8 -1.93 13.65 -6.30
N LEU A 9 -2.23 12.96 -5.22
CA LEU A 9 -1.50 11.74 -4.93
C LEU A 9 -1.69 10.72 -6.05
N VAL A 10 -2.95 10.42 -6.38
CA VAL A 10 -3.21 9.46 -7.44
C VAL A 10 -3.13 10.14 -8.83
N ILE A 11 -2.16 9.77 -9.68
CA ILE A 11 -2.02 10.36 -11.01
C ILE A 11 -2.31 9.40 -12.15
N GLU A 12 -2.48 9.90 -13.37
CA GLU A 12 -2.84 9.00 -14.47
C GLU A 12 -1.62 8.66 -15.32
N PRO A 13 -1.71 7.61 -16.11
CA PRO A 13 -0.62 7.28 -17.02
C PRO A 13 -0.14 8.51 -17.81
N ALA A 14 -1.03 9.36 -18.33
CA ALA A 14 -0.57 10.52 -19.08
C ALA A 14 0.33 11.45 -18.25
N ASP A 15 0.01 11.64 -16.97
CA ASP A 15 0.83 12.57 -16.20
C ASP A 15 2.24 12.03 -16.01
N LEU A 16 2.34 10.74 -15.74
CA LEU A 16 3.65 10.10 -15.58
C LEU A 16 4.43 10.15 -16.90
N GLN A 17 3.77 9.75 -17.99
CA GLN A 17 4.54 9.62 -19.26
C GLN A 17 5.18 10.97 -19.55
N ALA A 18 4.48 12.03 -19.19
CA ALA A 18 4.98 13.36 -19.54
C ALA A 18 6.20 13.67 -18.72
N ARG A 19 6.39 12.95 -17.63
CA ARG A 19 7.42 13.31 -16.66
C ARG A 19 8.49 12.21 -16.44
N LEU A 20 8.55 11.23 -17.34
CA LEU A 20 9.45 10.09 -17.12
C LEU A 20 10.90 10.55 -17.00
N SER A 21 11.23 11.68 -17.64
CA SER A 21 12.61 12.11 -17.58
C SER A 21 12.95 13.16 -16.51
N ALA A 22 12.06 13.32 -15.52
CA ALA A 22 12.30 14.25 -14.40
C ALA A 22 13.43 13.73 -13.49
N PRO A 23 14.44 14.57 -13.24
CA PRO A 23 15.65 14.09 -12.54
C PRO A 23 15.35 13.71 -11.09
N GLU A 24 14.27 14.22 -10.53
CA GLU A 24 13.95 13.86 -9.16
C GLU A 24 13.05 12.61 -9.05
N LEU A 25 12.64 12.06 -10.19
CA LEU A 25 11.78 10.87 -10.13
C LEU A 25 12.45 9.56 -9.68
N ILE A 26 11.86 8.94 -8.67
CA ILE A 26 12.17 7.53 -8.35
C ILE A 26 10.94 6.67 -8.66
N LEU A 27 10.91 6.08 -9.84
CA LEU A 27 9.78 5.28 -10.25
C LEU A 27 10.01 3.85 -9.81
N VAL A 28 9.08 3.37 -9.01
CA VAL A 28 9.15 2.05 -8.39
C VAL A 28 8.10 1.07 -8.93
N ASP A 29 8.59 -0.10 -9.35
CA ASP A 29 7.79 -1.15 -9.96
C ASP A 29 7.67 -2.37 -9.02
N LEU A 30 6.45 -2.74 -8.66
CA LEU A 30 6.33 -3.86 -7.74
C LEU A 30 5.46 -4.87 -8.42
N THR A 31 5.88 -5.28 -9.59
CA THR A 31 5.15 -6.32 -10.31
C THR A 31 5.74 -7.69 -9.96
N SER A 32 6.64 -8.21 -10.79
CA SER A 32 7.32 -9.44 -10.47
C SER A 32 8.56 -9.45 -11.36
N ALA A 33 9.52 -10.32 -11.04
CA ALA A 33 10.76 -10.37 -11.84
C ALA A 33 10.44 -10.63 -13.31
N ALA A 34 9.56 -11.59 -13.57
CA ALA A 34 9.15 -11.87 -14.95
C ALA A 34 8.49 -10.70 -15.65
N ARG A 35 7.51 -10.07 -15.01
CA ARG A 35 6.83 -8.94 -15.62
C ARG A 35 7.83 -7.80 -15.83
N TYR A 36 8.66 -7.53 -14.83
CA TYR A 36 9.62 -6.42 -14.99
C TYR A 36 10.58 -6.66 -16.18
N ALA A 37 11.03 -7.90 -16.33
CA ALA A 37 11.87 -8.31 -17.44
C ALA A 37 11.14 -8.25 -18.78
N GLU A 38 9.88 -8.69 -18.82
CA GLU A 38 9.13 -8.59 -20.07
C GLU A 38 8.99 -7.15 -20.57
N GLY A 39 8.87 -6.20 -19.66
CA GLY A 39 8.76 -4.81 -20.10
C GLY A 39 8.16 -3.99 -18.98
N HIS A 40 8.87 -2.98 -18.49
CA HIS A 40 8.37 -2.10 -17.40
C HIS A 40 8.26 -0.67 -17.89
N ILE A 41 7.72 0.23 -17.09
CA ILE A 41 7.66 1.65 -17.44
C ILE A 41 9.14 2.22 -17.44
N PRO A 42 9.51 2.98 -18.46
CA PRO A 42 10.92 3.36 -18.63
C PRO A 42 11.47 4.15 -17.41
N GLY A 43 12.58 3.64 -16.89
CA GLY A 43 13.32 4.23 -15.78
C GLY A 43 12.86 3.54 -14.50
N ALA A 44 11.88 2.65 -14.60
CA ALA A 44 11.34 2.00 -13.38
C ALA A 44 12.38 1.09 -12.69
N ARG A 45 12.40 1.21 -11.37
CA ARG A 45 13.29 0.39 -10.54
C ARG A 45 12.46 -0.68 -9.83
N PHE A 46 12.85 -1.94 -9.99
CA PHE A 46 12.16 -3.12 -9.46
C PHE A 46 12.39 -3.40 -7.99
N VAL A 47 11.28 -3.52 -7.30
CA VAL A 47 11.27 -3.87 -5.88
C VAL A 47 10.38 -5.08 -5.69
N ASP A 48 11.01 -6.25 -5.53
CA ASP A 48 10.21 -7.47 -5.42
C ASP A 48 9.29 -7.32 -4.22
N PRO A 49 8.02 -7.64 -4.40
CA PRO A 49 7.05 -7.44 -3.31
C PRO A 49 7.52 -8.04 -2.02
N LYS A 50 8.13 -9.24 -2.07
CA LYS A 50 8.63 -9.84 -0.84
C LYS A 50 9.54 -8.90 -0.02
N ARG A 51 10.27 -8.04 -0.72
CA ARG A 51 11.20 -7.14 -0.02
C ARG A 51 10.55 -6.05 0.87
N THR A 52 9.22 -5.96 0.81
CA THR A 52 8.53 -4.93 1.59
C THR A 52 8.04 -5.49 2.92
N GLN A 53 8.26 -6.80 3.11
CA GLN A 53 7.69 -7.55 4.22
C GLN A 53 8.79 -8.20 5.11
N LEU A 54 8.58 -8.19 6.43
CA LEU A 54 9.48 -8.82 7.39
C LEU A 54 9.59 -10.28 6.98
N GLY A 55 8.45 -10.91 6.73
CA GLY A 55 8.45 -12.26 6.22
C GLY A 55 8.94 -13.30 7.20
N GLN A 56 8.84 -12.99 8.50
CA GLN A 56 9.23 -13.92 9.57
C GLN A 56 8.05 -14.04 10.54
N PRO A 57 7.83 -15.20 11.16
CA PRO A 57 6.77 -15.35 12.17
C PRO A 57 7.18 -14.57 13.42
N PRO A 58 6.20 -14.24 14.25
CA PRO A 58 4.80 -14.65 14.06
C PRO A 58 3.93 -13.63 13.27
N ALA A 59 4.54 -12.53 12.86
CA ALA A 59 3.78 -11.53 12.10
C ALA A 59 4.60 -11.12 10.88
N PRO A 60 4.48 -11.85 9.79
CA PRO A 60 5.26 -11.60 8.57
C PRO A 60 4.89 -10.30 7.80
N GLY A 61 3.68 -9.76 8.02
CA GLY A 61 3.27 -8.51 7.40
C GLY A 61 3.89 -7.24 8.00
N LEU A 62 4.67 -7.38 9.08
CA LEU A 62 5.32 -6.20 9.62
C LEU A 62 6.32 -5.65 8.63
N GLN A 63 6.73 -4.39 8.81
CA GLN A 63 7.74 -3.77 7.94
C GLN A 63 9.08 -4.56 8.08
N PRO A 64 9.92 -4.52 7.05
CA PRO A 64 11.21 -5.21 7.09
C PRO A 64 12.11 -4.56 8.15
N PRO A 65 13.13 -5.25 8.58
CA PRO A 65 14.04 -4.66 9.57
C PRO A 65 14.77 -3.43 8.98
N ARG A 66 15.25 -2.58 9.84
CA ARG A 66 15.97 -1.39 9.46
C ARG A 66 17.06 -1.66 8.40
N GLU A 67 17.86 -2.71 8.55
CA GLU A 67 18.95 -3.02 7.60
C GLU A 67 18.43 -3.25 6.17
N GLN A 68 17.42 -4.11 6.05
CA GLN A 68 16.92 -4.35 4.73
C GLN A 68 16.40 -3.02 4.21
N LEU A 69 15.74 -2.26 5.08
CA LEU A 69 15.21 -0.97 4.61
C LEU A 69 16.26 0.03 4.15
N GLU A 70 17.37 0.06 4.87
CA GLU A 70 18.38 1.03 4.51
C GLU A 70 19.02 0.74 3.16
N SER A 71 19.30 -0.54 2.92
CA SER A 71 19.88 -0.98 1.69
C SER A 71 18.90 -0.81 0.53
N LEU A 72 17.62 -1.15 0.78
CA LEU A 72 16.61 -1.07 -0.28
C LEU A 72 16.55 0.37 -0.72
N PHE A 73 16.37 1.28 0.24
CA PHE A 73 16.24 2.67 -0.08
C PHE A 73 17.56 3.23 -0.63
N GLY A 74 18.70 2.71 -0.16
CA GLY A 74 19.99 3.11 -0.74
C GLY A 74 20.07 2.70 -2.20
N GLU A 75 19.62 1.46 -2.51
CA GLU A 75 19.57 0.97 -3.89
C GLU A 75 18.73 1.88 -4.79
N LEU A 76 17.55 2.26 -4.28
CA LEU A 76 16.64 3.11 -5.06
C LEU A 76 17.11 4.56 -5.33
N GLY A 77 18.12 5.03 -4.58
CA GLY A 77 18.68 6.36 -4.75
C GLY A 77 17.94 7.36 -3.89
N HIS A 78 17.32 6.87 -2.83
CA HIS A 78 16.64 7.73 -1.86
C HIS A 78 17.52 8.95 -1.50
N ARG A 79 16.92 10.13 -1.55
CA ARG A 79 17.65 11.38 -1.41
C ARG A 79 16.62 12.52 -1.23
N PRO A 80 17.08 13.66 -0.74
CA PRO A 80 16.14 14.71 -0.31
C PRO A 80 15.14 15.24 -1.37
N GLU A 81 15.55 15.32 -2.63
CA GLU A 81 14.68 15.94 -3.62
C GLU A 81 13.73 14.92 -4.21
N ALA A 82 14.00 13.65 -3.95
CA ALA A 82 13.26 12.56 -4.55
C ALA A 82 11.79 12.73 -4.45
N VAL A 83 11.11 12.32 -5.53
CA VAL A 83 9.65 12.21 -5.58
C VAL A 83 9.42 10.78 -6.15
N TYR A 84 8.76 9.93 -5.37
CA TYR A 84 8.45 8.56 -5.80
C TYR A 84 7.14 8.47 -6.61
N VAL A 85 7.14 7.66 -7.66
CA VAL A 85 5.86 7.23 -8.30
C VAL A 85 5.85 5.72 -8.23
N VAL A 86 4.74 5.14 -7.80
CA VAL A 86 4.72 3.72 -7.46
C VAL A 86 3.66 3.03 -8.28
N TYR A 87 3.95 1.83 -8.77
CA TYR A 87 2.92 1.05 -9.46
C TYR A 87 3.12 -0.44 -9.26
N ASP A 88 2.07 -1.21 -9.53
CA ASP A 88 2.24 -2.64 -9.58
C ASP A 88 1.35 -3.10 -10.73
N ASP A 89 1.05 -4.38 -10.81
CA ASP A 89 0.25 -4.85 -11.92
C ASP A 89 -0.95 -5.64 -11.46
N GLU A 90 -1.35 -5.38 -10.23
CA GLU A 90 -2.48 -6.05 -9.57
C GLU A 90 -3.53 -5.05 -9.00
N GLY A 91 -3.57 -3.82 -9.45
CA GLY A 91 -4.60 -2.94 -8.91
C GLY A 91 -4.18 -2.15 -7.69
N GLY A 92 -2.93 -2.27 -7.28
CA GLY A 92 -2.41 -1.39 -6.26
C GLY A 92 -2.12 -1.90 -4.85
N GLY A 93 -2.24 -3.21 -4.58
CA GLY A 93 -1.98 -3.68 -3.24
C GLY A 93 -0.50 -3.48 -2.92
N TRP A 94 0.40 -3.99 -3.76
CA TRP A 94 1.82 -3.82 -3.39
C TRP A 94 2.22 -2.37 -3.51
N ALA A 95 1.71 -1.67 -4.51
CA ALA A 95 2.06 -0.26 -4.63
C ALA A 95 1.63 0.53 -3.37
N GLY A 96 0.45 0.22 -2.87
CA GLY A 96 -0.06 0.91 -1.70
C GLY A 96 0.70 0.56 -0.46
N ARG A 97 1.18 -0.68 -0.39
CA ARG A 97 1.98 -1.09 0.75
C ARG A 97 3.34 -0.35 0.68
N PHE A 98 3.88 -0.19 -0.51
CA PHE A 98 5.17 0.50 -0.64
C PHE A 98 4.97 1.96 -0.19
N ILE A 99 3.80 2.51 -0.49
CA ILE A 99 3.50 3.88 -0.07
C ILE A 99 3.40 3.99 1.45
N TRP A 100 2.88 2.96 2.09
CA TRP A 100 2.86 2.96 3.55
C TRP A 100 4.31 2.91 4.09
N LEU A 101 5.20 2.22 3.37
CA LEU A 101 6.63 2.20 3.76
C LEU A 101 7.25 3.57 3.60
N LEU A 102 6.86 4.27 2.54
CA LEU A 102 7.29 5.64 2.34
C LEU A 102 6.86 6.47 3.56
N ASP A 103 5.61 6.35 4.01
CA ASP A 103 5.25 7.03 5.24
C ASP A 103 6.11 6.56 6.41
N VAL A 104 6.49 5.28 6.40
CA VAL A 104 7.29 4.74 7.50
C VAL A 104 8.68 5.34 7.53
N ILE A 105 9.22 5.69 6.37
CA ILE A 105 10.53 6.34 6.33
C ILE A 105 10.55 7.84 6.21
N GLY A 106 9.39 8.48 6.29
CA GLY A 106 9.32 9.93 6.40
C GLY A 106 9.28 10.62 5.06
N GLN A 107 9.20 9.85 3.98
CA GLN A 107 9.23 10.45 2.68
C GLN A 107 7.93 11.24 2.56
N GLN A 108 8.00 12.50 2.16
CA GLN A 108 6.76 13.25 1.99
C GLN A 108 6.18 13.22 0.57
N ARG A 109 7.04 13.20 -0.44
CA ARG A 109 6.53 13.32 -1.79
C ARG A 109 6.47 12.00 -2.54
N TYR A 110 5.26 11.60 -2.90
CA TYR A 110 5.10 10.39 -3.73
C TYR A 110 3.74 10.41 -4.39
N HIS A 111 3.54 9.52 -5.34
CA HIS A 111 2.31 9.45 -6.12
C HIS A 111 2.08 8.01 -6.49
N TYR A 112 0.82 7.65 -6.63
CA TYR A 112 0.40 6.32 -7.05
C TYR A 112 -0.08 6.43 -8.51
N LEU A 113 0.46 5.57 -9.37
CA LEU A 113 0.02 5.49 -10.77
C LEU A 113 -1.32 4.78 -10.78
N ASN A 114 -2.41 5.51 -11.04
CA ASN A 114 -3.75 4.92 -11.05
C ASN A 114 -3.86 3.73 -12.02
N GLY A 115 -4.24 2.55 -11.53
CA GLY A 115 -4.33 1.40 -12.38
C GLY A 115 -2.96 0.77 -12.73
N GLY A 116 -1.89 1.43 -12.32
CA GLY A 116 -0.56 0.87 -12.47
C GLY A 116 -0.24 0.36 -13.86
N LEU A 117 0.56 -0.68 -13.92
CA LEU A 117 0.94 -1.19 -15.24
C LEU A 117 -0.32 -1.63 -16.07
N THR A 118 -1.36 -2.13 -15.42
CA THR A 118 -2.55 -2.57 -16.17
C THR A 118 -3.07 -1.38 -16.98
N ALA A 119 -3.20 -0.20 -16.37
CA ALA A 119 -3.66 0.97 -17.09
C ALA A 119 -2.65 1.38 -18.20
N TRP A 120 -1.36 1.30 -17.86
CA TRP A 120 -0.28 1.77 -18.74
C TRP A 120 -0.30 0.93 -20.00
N LEU A 121 -0.47 -0.38 -19.80
CA LEU A 121 -0.54 -1.35 -20.90
C LEU A 121 -1.83 -1.15 -21.77
N ALA A 122 -2.94 -0.85 -21.13
CA ALA A 122 -4.21 -0.71 -21.84
C ALA A 122 -4.12 0.44 -22.83
N GLU A 123 -3.25 1.40 -22.52
CA GLU A 123 -3.09 2.61 -23.33
C GLU A 123 -1.90 2.48 -24.32
N ASP A 124 -1.36 1.27 -24.43
CA ASP A 124 -0.20 0.99 -25.28
C ASP A 124 1.02 1.90 -25.00
N ARG A 125 1.23 2.32 -23.75
CA ARG A 125 2.32 3.25 -23.50
C ARG A 125 3.72 2.57 -23.57
N PRO A 126 4.77 3.37 -23.66
CA PRO A 126 6.11 2.82 -23.92
C PRO A 126 6.57 1.87 -22.80
N LEU A 127 7.30 0.81 -23.17
CA LEU A 127 7.91 -0.16 -22.24
C LEU A 127 9.39 -0.25 -22.55
N SER A 128 10.14 -0.62 -21.51
CA SER A 128 11.60 -0.74 -21.57
C SER A 128 11.97 -2.07 -20.94
N ARG A 129 13.05 -2.66 -21.39
CA ARG A 129 13.51 -3.86 -20.74
C ARG A 129 14.89 -3.60 -20.13
N GLU A 130 15.25 -2.32 -20.04
CA GLU A 130 16.58 -1.89 -19.61
C GLU A 130 16.64 -1.65 -18.13
N LEU A 131 17.79 -1.90 -17.53
CA LEU A 131 17.91 -1.68 -16.11
C LEU A 131 18.56 -0.36 -15.79
N PRO A 132 17.88 0.44 -14.98
CA PRO A 132 18.52 1.65 -14.43
C PRO A 132 19.75 1.23 -13.59
N ALA A 133 20.77 2.09 -13.46
CA ALA A 133 21.82 1.79 -12.46
C ALA A 133 21.35 2.08 -11.02
N PRO A 134 21.49 1.12 -10.07
CA PRO A 134 21.16 1.31 -8.64
C PRO A 134 21.90 2.54 -8.13
N ALA A 135 21.35 3.21 -7.12
CA ALA A 135 21.91 4.49 -6.71
C ALA A 135 23.23 4.33 -6.00
N GLY A 136 23.19 3.74 -4.81
CA GLY A 136 24.39 3.55 -4.02
C GLY A 136 24.23 2.66 -2.80
N GLY A 137 25.07 2.87 -1.80
CA GLY A 137 25.05 2.03 -0.63
C GLY A 137 23.84 2.43 0.18
N PRO A 138 23.66 1.77 1.31
CA PRO A 138 22.47 1.95 2.16
C PRO A 138 22.48 3.32 2.79
N VAL A 139 21.31 3.91 2.91
CA VAL A 139 21.23 5.20 3.53
C VAL A 139 20.69 5.05 4.90
N ALA A 140 21.12 5.99 5.73
CA ALA A 140 20.89 5.86 7.13
C ALA A 140 19.42 6.39 7.29
N LEU A 141 18.55 5.68 8.02
CA LEU A 141 17.13 6.06 7.99
C LEU A 141 16.42 6.43 9.31
N SER A 142 15.39 7.27 9.22
CA SER A 142 14.54 7.61 10.37
C SER A 142 13.15 6.97 10.26
N LEU A 143 12.81 6.06 11.18
CA LEU A 143 11.63 5.22 11.01
C LEU A 143 10.48 5.66 11.91
N HIS A 144 9.24 5.68 11.43
CA HIS A 144 8.17 6.23 12.23
C HIS A 144 7.10 5.21 12.51
N ASP A 145 6.48 5.29 13.68
CA ASP A 145 5.48 4.32 14.06
C ASP A 145 4.10 4.88 13.77
N GLU A 146 4.02 6.17 13.49
CA GLU A 146 2.72 6.78 13.28
C GLU A 146 1.81 6.13 12.22
N PRO A 147 2.36 5.73 11.06
CA PRO A 147 1.56 5.14 9.97
C PRO A 147 1.00 3.77 10.34
N THR A 148 1.47 3.19 11.44
CA THR A 148 1.22 1.80 11.77
C THR A 148 0.47 1.58 13.07
N ALA A 149 -0.51 0.69 13.06
CA ALA A 149 -1.16 0.32 14.31
C ALA A 149 -0.60 -0.99 14.84
N SER A 150 -0.06 -0.97 16.06
CA SER A 150 0.37 -2.23 16.69
C SER A 150 -0.85 -3.02 17.18
N ARG A 151 -0.64 -4.29 17.53
CA ARG A 151 -1.69 -5.13 18.11
C ARG A 151 -2.21 -4.51 19.42
N ASP A 152 -1.33 -4.08 20.33
CA ASP A 152 -1.83 -3.51 21.56
C ASP A 152 -2.62 -2.24 21.36
N TYR A 153 -2.12 -1.35 20.50
CA TYR A 153 -2.83 -0.09 20.16
C TYR A 153 -4.27 -0.40 19.71
N LEU A 154 -4.43 -1.37 18.82
CA LEU A 154 -5.75 -1.66 18.29
C LEU A 154 -6.67 -2.27 19.37
N LEU A 155 -6.11 -3.16 20.19
CA LEU A 155 -6.84 -3.75 21.30
C LEU A 155 -7.38 -2.69 22.21
N GLY A 156 -6.56 -1.66 22.48
CA GLY A 156 -6.97 -0.56 23.31
C GLY A 156 -8.07 0.31 22.72
N ARG A 157 -8.20 0.33 21.39
CA ARG A 157 -9.13 1.26 20.73
C ARG A 157 -10.46 0.64 20.32
N LEU A 158 -10.58 -0.67 20.52
CA LEU A 158 -11.75 -1.39 20.04
C LEU A 158 -13.01 -0.80 20.63
N GLY A 159 -14.06 -0.75 19.83
CA GLY A 159 -15.32 -0.24 20.27
C GLY A 159 -15.40 1.26 20.34
N ALA A 160 -14.30 1.95 20.10
CA ALA A 160 -14.37 3.39 20.20
C ALA A 160 -15.29 4.03 19.14
N ALA A 161 -15.76 5.24 19.41
CA ALA A 161 -16.72 5.94 18.56
C ALA A 161 -15.99 6.57 17.38
N ASP A 162 -14.75 7.01 17.61
CA ASP A 162 -14.00 7.68 16.56
C ASP A 162 -13.05 6.78 15.76
N LEU A 163 -13.27 5.48 15.83
CA LEU A 163 -12.47 4.58 15.03
C LEU A 163 -13.33 3.83 14.00
N ALA A 164 -12.79 3.64 12.80
CA ALA A 164 -13.29 2.60 11.86
C ALA A 164 -12.14 1.63 11.49
N ILE A 165 -12.46 0.34 11.49
CA ILE A 165 -11.49 -0.67 11.06
C ILE A 165 -11.93 -1.22 9.70
N TRP A 166 -11.11 -1.02 8.69
CA TRP A 166 -11.48 -1.32 7.33
C TRP A 166 -10.76 -2.62 7.05
N ASP A 167 -11.50 -3.71 7.21
CA ASP A 167 -11.00 -5.03 6.86
C ASP A 167 -11.08 -5.26 5.32
N ALA A 168 -9.95 -5.36 4.65
CA ALA A 168 -9.89 -5.42 3.18
C ALA A 168 -9.89 -6.83 2.62
N ARG A 169 -10.13 -7.83 3.47
CA ARG A 169 -10.11 -9.22 3.01
C ARG A 169 -11.41 -9.54 2.24
N SER A 170 -11.52 -10.77 1.78
CA SER A 170 -12.79 -11.19 1.14
C SER A 170 -13.90 -11.31 2.21
N PRO A 171 -15.15 -11.10 1.78
CA PRO A 171 -16.30 -11.24 2.70
C PRO A 171 -16.27 -12.62 3.35
N GLN A 172 -15.92 -13.68 2.60
CA GLN A 172 -15.81 -15.01 3.25
C GLN A 172 -14.78 -15.08 4.38
N GLU A 173 -13.68 -14.36 4.27
CA GLU A 173 -12.77 -14.34 5.41
C GLU A 173 -13.43 -13.52 6.54
N TYR A 174 -13.94 -12.36 6.19
CA TYR A 174 -14.51 -11.45 7.21
C TYR A 174 -15.55 -12.20 8.06
N ARG A 175 -16.37 -13.03 7.40
CA ARG A 175 -17.44 -13.74 8.09
C ARG A 175 -16.93 -15.05 8.70
N GLY A 176 -15.63 -15.27 8.59
CA GLY A 176 -15.01 -16.49 9.09
C GLY A 176 -15.52 -17.78 8.45
N GLU A 177 -15.94 -17.73 7.17
CA GLU A 177 -16.30 -18.91 6.37
C GLU A 177 -15.02 -19.51 5.76
N LYS A 178 -14.05 -18.63 5.50
CA LYS A 178 -12.77 -19.07 5.00
C LYS A 178 -11.70 -18.72 6.04
N VAL A 179 -11.11 -19.75 6.64
CA VAL A 179 -10.35 -19.52 7.85
C VAL A 179 -8.87 -19.74 7.64
N LEU A 180 -8.09 -18.68 7.77
CA LEU A 180 -6.68 -18.81 7.48
C LEU A 180 -5.79 -18.66 8.71
N ALA A 181 -6.36 -18.85 9.88
CA ALA A 181 -5.65 -18.70 11.14
C ALA A 181 -6.33 -19.59 12.16
N ALA A 182 -5.81 -19.62 13.37
CA ALA A 182 -6.47 -20.45 14.36
C ALA A 182 -7.88 -19.99 14.64
N LYS A 183 -8.18 -18.71 14.39
CA LYS A 183 -9.52 -18.16 14.65
C LYS A 183 -10.04 -17.51 13.35
N GLY A 184 -11.30 -17.76 12.99
CA GLY A 184 -11.91 -17.14 11.82
C GLY A 184 -12.88 -16.05 12.29
N GLY A 185 -13.14 -15.03 11.48
CA GLY A 185 -14.06 -13.96 11.89
C GLY A 185 -13.36 -12.65 11.63
N HIS A 186 -13.70 -11.59 12.36
CA HIS A 186 -13.06 -10.30 12.07
C HIS A 186 -12.85 -9.61 13.37
N ILE A 187 -12.23 -8.44 13.30
CA ILE A 187 -11.91 -7.69 14.50
C ILE A 187 -13.22 -7.04 14.98
N PRO A 188 -13.55 -7.12 16.27
CA PRO A 188 -14.85 -6.59 16.72
C PRO A 188 -15.03 -5.14 16.31
N GLY A 189 -16.17 -4.92 15.64
CA GLY A 189 -16.55 -3.60 15.17
C GLY A 189 -16.09 -3.25 13.78
N ALA A 190 -15.19 -4.06 13.20
CA ALA A 190 -14.70 -3.81 11.86
C ALA A 190 -15.80 -3.92 10.83
N VAL A 191 -15.59 -3.26 9.70
CA VAL A 191 -16.49 -3.40 8.54
C VAL A 191 -15.62 -3.88 7.35
N ASN A 192 -16.27 -4.41 6.31
CA ASN A 192 -15.58 -5.05 5.21
C ASN A 192 -15.77 -4.36 3.85
N PHE A 193 -14.66 -4.05 3.17
CA PHE A 193 -14.71 -3.59 1.78
C PHE A 193 -13.48 -4.17 1.09
N GLU A 194 -13.64 -5.37 0.55
CA GLU A 194 -12.56 -6.09 -0.11
C GLU A 194 -11.77 -5.16 -1.03
N TRP A 195 -10.44 -5.30 -1.00
CA TRP A 195 -9.58 -4.49 -1.84
C TRP A 195 -10.01 -4.45 -3.28
N THR A 196 -10.31 -5.61 -3.85
CA THR A 196 -10.80 -5.67 -5.24
C THR A 196 -12.11 -4.93 -5.51
N ALA A 197 -12.97 -4.78 -4.52
CA ALA A 197 -14.20 -3.98 -4.70
C ALA A 197 -13.88 -2.48 -4.93
N ALA A 198 -12.68 -2.01 -4.51
CA ALA A 198 -12.27 -0.62 -4.77
C ALA A 198 -11.71 -0.36 -6.20
N MET A 199 -11.45 -1.41 -6.95
CA MET A 199 -10.88 -1.29 -8.29
C MET A 199 -12.03 -1.34 -9.29
N ASP A 200 -11.79 -0.80 -10.47
CA ASP A 200 -12.76 -0.87 -11.55
C ASP A 200 -12.10 -1.60 -12.71
N PRO A 201 -12.48 -2.86 -12.92
CA PRO A 201 -11.88 -3.66 -13.99
C PRO A 201 -12.31 -3.15 -15.35
N SER A 202 -13.25 -2.21 -15.35
CA SER A 202 -13.65 -1.68 -16.63
C SER A 202 -12.69 -0.55 -17.02
N ARG A 203 -11.91 -0.06 -16.05
CA ARG A 203 -10.95 1.02 -16.34
C ARG A 203 -9.56 0.60 -15.91
N ALA A 204 -9.22 -0.61 -16.32
CA ALA A 204 -7.86 -1.15 -16.21
C ALA A 204 -7.39 -1.15 -14.76
N LEU A 205 -8.30 -1.45 -13.83
CA LEU A 205 -8.01 -1.51 -12.41
C LEU A 205 -7.65 -0.21 -11.70
N ARG A 206 -8.01 0.93 -12.28
CA ARG A 206 -7.94 2.18 -11.52
C ARG A 206 -8.83 2.10 -10.26
N ILE A 207 -8.64 3.05 -9.36
CA ILE A 207 -9.50 3.18 -8.19
C ILE A 207 -10.87 3.66 -8.73
N ARG A 208 -11.95 2.93 -8.44
CA ARG A 208 -13.29 3.35 -8.83
C ARG A 208 -13.57 4.79 -8.41
N THR A 209 -14.21 5.55 -9.28
CA THR A 209 -14.39 6.96 -9.02
C THR A 209 -15.40 7.27 -7.93
N ASP A 210 -16.27 6.30 -7.61
CA ASP A 210 -17.35 6.51 -6.63
C ASP A 210 -16.89 5.98 -5.30
N ILE A 211 -15.58 5.83 -5.15
CA ILE A 211 -15.05 5.18 -3.96
C ILE A 211 -15.47 5.87 -2.64
N ALA A 212 -15.47 7.21 -2.62
CA ALA A 212 -15.80 7.91 -1.36
C ALA A 212 -17.21 7.55 -0.83
N GLY A 213 -18.21 7.62 -1.69
CA GLY A 213 -19.54 7.22 -1.24
C GLY A 213 -19.56 5.79 -0.72
N ARG A 214 -18.82 4.90 -1.39
CA ARG A 214 -18.89 3.50 -0.94
C ARG A 214 -18.27 3.33 0.46
N LEU A 215 -17.18 4.05 0.71
CA LEU A 215 -16.55 3.99 2.00
C LEU A 215 -17.49 4.66 3.02
N GLU A 216 -18.10 5.76 2.61
CA GLU A 216 -19.01 6.46 3.52
C GLU A 216 -20.19 5.59 3.93
N GLU A 217 -20.69 4.82 2.99
CA GLU A 217 -21.77 3.87 3.30
C GLU A 217 -21.44 2.97 4.50
N LEU A 218 -20.16 2.70 4.70
CA LEU A 218 -19.77 1.75 5.74
C LEU A 218 -19.29 2.43 7.04
N GLY A 219 -19.42 3.75 7.11
CA GLY A 219 -18.94 4.47 8.25
C GLY A 219 -17.43 4.70 8.18
N ILE A 220 -16.78 4.49 7.04
CA ILE A 220 -15.33 4.74 6.87
C ILE A 220 -15.16 6.18 6.42
N THR A 221 -15.28 7.09 7.38
CA THR A 221 -15.32 8.53 7.13
C THR A 221 -14.10 9.23 7.74
N PRO A 222 -13.72 10.38 7.17
CA PRO A 222 -12.44 10.98 7.48
C PRO A 222 -12.37 11.66 8.86
N ASP A 223 -13.52 11.82 9.50
CA ASP A 223 -13.59 12.38 10.87
C ASP A 223 -13.21 11.30 11.85
N LYS A 224 -12.99 10.07 11.36
CA LYS A 224 -12.51 9.00 12.23
C LYS A 224 -11.08 8.55 11.88
N GLU A 225 -10.42 8.00 12.88
CA GLU A 225 -9.14 7.34 12.62
C GLU A 225 -9.50 6.06 11.85
N ILE A 226 -8.87 5.84 10.70
CA ILE A 226 -9.02 4.59 9.96
C ILE A 226 -7.90 3.59 10.17
N VAL A 227 -8.21 2.40 10.62
CA VAL A 227 -7.15 1.39 10.76
C VAL A 227 -7.47 0.29 9.80
N THR A 228 -6.60 0.01 8.84
CA THR A 228 -6.94 -0.98 7.84
C THR A 228 -6.02 -2.18 7.85
N HIS A 229 -6.52 -3.33 7.41
CA HIS A 229 -5.73 -4.58 7.47
C HIS A 229 -6.27 -5.61 6.50
N CYS A 230 -5.50 -6.58 6.35
CA CYS A 230 -6.04 -7.82 5.74
C CYS A 230 -5.50 -9.05 6.44
N GLN A 231 -4.87 -9.98 5.71
CA GLN A 231 -4.15 -11.12 6.32
C GLN A 231 -2.69 -10.77 6.63
N THR A 232 -1.99 -10.16 5.67
CA THR A 232 -0.58 -9.79 5.89
C THR A 232 -0.22 -8.34 5.57
N HIS A 233 -1.23 -7.47 5.55
CA HIS A 233 -1.07 -6.08 5.10
C HIS A 233 -0.57 -5.96 3.69
N HIS A 234 -1.00 -6.87 2.82
CA HIS A 234 -0.75 -6.73 1.37
C HIS A 234 -1.93 -6.04 0.67
N ARG A 235 -3.11 -6.62 0.85
CA ARG A 235 -4.32 -6.19 0.18
C ARG A 235 -4.73 -4.83 0.76
N SER A 236 -4.31 -4.70 2.06
CA SER A 236 -4.68 -3.44 2.76
C SER A 236 -3.69 -2.36 2.41
N GLY A 237 -2.76 -2.68 1.51
CA GLY A 237 -1.85 -1.65 1.05
C GLY A 237 -2.68 -0.70 0.21
N LEU A 238 -3.53 -1.27 -0.65
CA LEU A 238 -4.39 -0.48 -1.53
C LEU A 238 -5.42 0.37 -0.74
N THR A 239 -6.01 -0.20 0.30
CA THR A 239 -7.03 0.57 1.03
C THR A 239 -6.40 1.69 1.86
N TYR A 240 -5.20 1.45 2.40
CA TYR A 240 -4.42 2.56 3.11
C TYR A 240 -4.17 3.72 2.15
N LEU A 241 -3.72 3.36 0.94
CA LEU A 241 -3.42 4.32 -0.11
C LEU A 241 -4.68 5.06 -0.56
N ILE A 242 -5.81 4.35 -0.59
CA ILE A 242 -7.04 5.06 -0.94
C ILE A 242 -7.45 6.08 0.15
N ALA A 243 -7.45 5.66 1.40
CA ALA A 243 -7.81 6.61 2.43
C ALA A 243 -6.94 7.85 2.33
N LYS A 244 -5.61 7.66 2.23
CA LYS A 244 -4.67 8.77 1.98
C LYS A 244 -5.06 9.65 0.78
N ALA A 245 -5.34 9.04 -0.36
CA ALA A 245 -5.61 9.71 -1.59
C ALA A 245 -6.86 10.55 -1.45
N LEU A 246 -7.83 10.07 -0.67
CA LEU A 246 -9.05 10.83 -0.50
C LEU A 246 -8.89 11.96 0.53
N GLY A 247 -7.72 12.03 1.17
CA GLY A 247 -7.39 13.06 2.15
C GLY A 247 -7.83 12.77 3.58
N TYR A 248 -8.00 11.47 3.91
CA TYR A 248 -8.37 11.15 5.28
C TYR A 248 -7.14 11.60 6.10
N PRO A 249 -7.35 12.37 7.15
CA PRO A 249 -6.20 12.85 7.94
C PRO A 249 -5.63 11.84 8.94
N ARG A 250 -6.38 10.80 9.28
CA ARG A 250 -5.89 9.86 10.32
C ARG A 250 -5.96 8.40 9.79
N VAL A 251 -4.84 7.86 9.33
CA VAL A 251 -4.88 6.55 8.67
C VAL A 251 -3.71 5.73 9.15
N LYS A 252 -3.96 4.45 9.48
CA LYS A 252 -2.90 3.52 9.90
C LYS A 252 -3.09 2.17 9.25
N GLY A 253 -1.97 1.49 8.96
CA GLY A 253 -2.03 0.11 8.53
C GLY A 253 -1.79 -0.75 9.74
N TYR A 254 -2.70 -1.69 10.01
CA TYR A 254 -2.44 -2.68 11.08
C TYR A 254 -1.59 -3.80 10.45
N ALA A 255 -0.26 -3.66 10.52
CA ALA A 255 0.63 -4.50 9.71
C ALA A 255 0.64 -5.94 10.14
N GLY A 256 0.42 -6.19 11.44
CA GLY A 256 0.33 -7.54 11.95
C GLY A 256 -0.80 -8.22 11.19
N SER A 257 -1.96 -7.56 11.13
CA SER A 257 -3.09 -8.09 10.35
C SER A 257 -3.69 -9.36 10.84
N TRP A 258 -4.51 -10.02 10.03
CA TRP A 258 -5.18 -11.20 10.57
C TRP A 258 -4.16 -12.31 10.87
N GLY A 259 -3.04 -12.26 10.18
CA GLY A 259 -1.98 -13.24 10.44
C GLY A 259 -1.56 -13.22 11.88
N GLU A 260 -1.59 -12.04 12.45
CA GLU A 260 -1.34 -11.96 13.84
C GLU A 260 -2.65 -12.09 14.63
N TRP A 261 -3.64 -11.28 14.30
CA TRP A 261 -4.84 -11.21 15.12
C TRP A 261 -5.54 -12.55 15.32
N GLY A 262 -5.63 -13.31 14.24
CA GLY A 262 -6.38 -14.56 14.22
C GLY A 262 -5.61 -15.70 14.90
N ASN A 263 -4.34 -15.45 15.19
CA ASN A 263 -3.47 -16.43 15.88
C ASN A 263 -3.04 -16.08 17.31
N HIS A 264 -3.38 -14.88 17.77
CA HIS A 264 -2.83 -14.41 19.03
C HIS A 264 -3.78 -14.76 20.13
N PRO A 265 -3.25 -15.23 21.25
CA PRO A 265 -4.09 -15.57 22.40
C PRO A 265 -4.92 -14.35 22.87
N ASP A 266 -4.39 -13.13 22.82
CA ASP A 266 -5.13 -12.00 23.45
C ASP A 266 -6.31 -11.40 22.62
N THR A 267 -6.48 -11.80 21.37
CA THR A 267 -7.34 -11.00 20.50
C THR A 267 -8.76 -11.49 20.39
N PRO A 268 -9.73 -10.62 20.67
CA PRO A 268 -11.13 -11.01 20.50
C PRO A 268 -11.49 -11.04 19.01
N VAL A 269 -12.35 -11.98 18.67
CA VAL A 269 -12.79 -12.16 17.30
C VAL A 269 -14.33 -12.09 17.27
N GLU A 270 -14.91 -11.68 16.15
CA GLU A 270 -16.35 -11.55 16.06
C GLU A 270 -16.77 -12.08 14.68
N LEU A 271 -17.91 -12.76 14.61
CA LEU A 271 -18.42 -13.34 13.38
C LEU A 271 -19.71 -12.69 12.84
C1 EDO B . -14.18 -0.60 15.87
O1 EDO B . -13.98 -1.48 16.97
C2 EDO B . -14.33 0.85 16.25
O2 EDO B . -15.42 0.97 17.14
C1 EDO C . 16.69 -1.74 -7.31
O1 EDO C . 17.96 -1.08 -7.21
C2 EDO C . 16.13 -2.12 -5.94
O2 EDO C . 16.93 -3.10 -5.27
#